data_5O8X
#
_entry.id   5O8X
#
_cell.length_a   115.064
_cell.length_b   116.358
_cell.length_c   54.865
_cell.angle_alpha   90.00
_cell.angle_beta   118.41
_cell.angle_gamma   90.00
#
_symmetry.space_group_name_H-M   'C 1 2 1'
#
loop_
_entity.id
_entity.type
_entity.pdbx_description
1 polymer 'Soluble lytic transglycosylase B'
2 non-polymer 'CALCIUM ION'
3 non-polymer 'CACODYLATE ION'
4 non-polymer GLYCEROL
5 water water
#
_entity_poly.entity_id   1
_entity_poly.type   'polypeptide(L)'
_entity_poly.pdbx_seq_one_letter_code
;DYDGSPQVAEFVSEMTRDYGFAGEQLMGLFRDVNRKQSILDAISRPAERVKQWKEYRPIFISDARISRGVDFWNKHAEDL
ARAEKEYGVPAEIIVSIIGVETFFGRNTGSYRVMDALSTLGFDYPPRADFFRKELREFLLLAREQQVDPLSLTGSYAGAM
GLPQFMPSSFRAYAVDFDGDGHINIWSDPTDAIGSVASYFKQHGWVTGEPVVSVAEINDESAESAVTRGVDPTMSLGELR
ARGWRTHDALRDDQKVTAMRFVGDKGIEYWVGLPNFYVITRYNRSAMYAMAVYQLAGEIARARGAH
;
_entity_poly.pdbx_strand_id   A,B
#
loop_
_chem_comp.id
_chem_comp.type
_chem_comp.name
_chem_comp.formula
CA non-polymer 'CALCIUM ION' 'Ca 2'
CAC non-polymer 'CACODYLATE ION' 'C2 H6 As O2 -1'
GOL non-polymer GLYCEROL 'C3 H8 O3'
#
# COMPACT_ATOMS: atom_id res chain seq x y z
N ASP A 1 11.24 5.77 26.10
CA ASP A 1 11.16 6.09 24.68
C ASP A 1 11.08 7.59 24.44
N TYR A 2 9.90 8.15 24.68
CA TYR A 2 9.68 9.59 24.54
C TYR A 2 9.75 10.30 25.88
N ASP A 3 10.52 9.76 26.82
CA ASP A 3 10.55 10.30 28.18
C ASP A 3 11.14 11.70 28.20
N GLY A 4 12.19 11.94 27.41
CA GLY A 4 12.84 13.24 27.42
C GLY A 4 13.35 13.69 26.06
N SER A 5 12.61 13.37 25.00
CA SER A 5 13.03 13.78 23.68
C SER A 5 12.95 15.31 23.56
N PRO A 6 13.85 15.93 22.80
CA PRO A 6 13.74 17.39 22.59
C PRO A 6 12.50 17.76 21.79
N GLN A 7 12.20 17.00 20.73
CA GLN A 7 11.02 17.29 19.93
C GLN A 7 9.74 17.03 20.73
N VAL A 8 9.73 15.98 21.56
CA VAL A 8 8.57 15.71 22.39
C VAL A 8 8.33 16.86 23.37
N ALA A 9 9.41 17.40 23.94
CA ALA A 9 9.27 18.55 24.82
C ALA A 9 8.80 19.79 24.05
N GLU A 10 9.22 19.93 22.79
CA GLU A 10 8.76 21.05 21.99
C GLU A 10 7.32 20.87 21.51
N PHE A 11 6.84 19.62 21.45
CA PHE A 11 5.43 19.39 21.16
C PHE A 11 4.57 19.72 22.38
N VAL A 12 5.02 19.33 23.57
CA VAL A 12 4.30 19.66 24.79
C VAL A 12 4.32 21.16 25.04
N SER A 13 5.37 21.86 24.60
CA SER A 13 5.43 23.30 24.79
C SER A 13 4.41 24.01 23.91
N GLU A 14 4.20 23.53 22.68
CA GLU A 14 3.16 24.08 21.83
C GLU A 14 1.77 23.72 22.33
N MET A 15 1.61 22.53 22.94
CA MET A 15 0.30 22.11 23.43
C MET A 15 -0.15 22.97 24.59
N THR A 16 0.74 23.28 25.53
CA THR A 16 0.38 24.11 26.66
C THR A 16 0.34 25.60 26.31
N ARG A 17 0.84 25.99 25.14
CA ARG A 17 0.91 27.38 24.71
C ARG A 17 -0.21 27.80 23.77
N ASP A 18 -0.56 26.94 22.81
CA ASP A 18 -1.62 27.26 21.86
C ASP A 18 -2.96 26.62 22.20
N TYR A 19 -2.96 25.55 23.00
CA TYR A 19 -4.20 24.81 23.28
C TYR A 19 -4.43 24.58 24.77
N GLY A 20 -3.59 25.15 25.64
CA GLY A 20 -3.88 25.17 27.06
C GLY A 20 -3.87 23.83 27.76
N PHE A 21 -2.90 22.99 27.46
CA PHE A 21 -2.72 21.76 28.21
C PHE A 21 -1.76 21.98 29.38
N ALA A 22 -1.85 21.11 30.37
CA ALA A 22 -0.93 21.11 31.50
C ALA A 22 0.29 20.29 31.11
N GLY A 23 1.43 20.97 30.94
CA GLY A 23 2.62 20.28 30.46
C GLY A 23 3.03 19.09 31.31
N GLU A 24 2.96 19.24 32.64
CA GLU A 24 3.41 18.16 33.51
C GLU A 24 2.64 16.88 33.24
N GLN A 25 1.31 16.92 33.31
CA GLN A 25 0.52 15.73 33.02
C GLN A 25 0.74 15.26 31.59
N LEU A 26 0.87 16.19 30.64
CA LEU A 26 1.09 15.80 29.25
C LEU A 26 2.36 14.98 29.10
N MET A 27 3.42 15.34 29.84
CA MET A 27 4.65 14.57 29.81
C MET A 27 4.58 13.30 30.64
N GLY A 28 3.60 13.18 31.54
CA GLY A 28 3.34 11.90 32.17
C GLY A 28 2.65 10.93 31.23
N LEU A 29 1.90 11.46 30.25
CA LEU A 29 1.31 10.60 29.23
C LEU A 29 2.38 10.01 28.33
N PHE A 30 3.27 10.86 27.79
CA PHE A 30 4.29 10.38 26.88
C PHE A 30 5.24 9.38 27.51
N ARG A 31 5.32 9.34 28.84
CA ARG A 31 6.12 8.31 29.49
C ARG A 31 5.50 6.93 29.31
N ASP A 32 4.19 6.86 29.11
CA ASP A 32 3.50 5.60 28.92
C ASP A 32 3.28 5.25 27.44
N VAL A 33 3.86 6.02 26.53
CA VAL A 33 3.68 5.82 25.10
C VAL A 33 4.86 5.02 24.56
N ASN A 34 4.56 4.02 23.73
CA ASN A 34 5.56 3.12 23.17
C ASN A 34 5.84 3.44 21.72
N ARG A 35 7.11 3.42 21.35
CA ARG A 35 7.51 3.50 19.96
C ARG A 35 7.30 2.13 19.30
N LYS A 36 6.48 2.08 18.25
CA LYS A 36 6.11 0.83 17.61
C LYS A 36 7.03 0.59 16.42
N GLN A 37 7.91 -0.41 16.54
CA GLN A 37 8.81 -0.74 15.44
C GLN A 37 8.03 -1.22 14.22
N SER A 38 6.94 -1.96 14.45
CA SER A 38 6.18 -2.51 13.34
C SER A 38 5.55 -1.40 12.49
N ILE A 39 5.15 -0.30 13.12
CA ILE A 39 4.60 0.83 12.36
C ILE A 39 5.67 1.42 11.45
N LEU A 40 6.86 1.65 11.98
CA LEU A 40 7.94 2.21 11.17
C LEU A 40 8.24 1.31 9.97
N ASP A 41 8.26 -0.01 10.16
CA ASP A 41 8.47 -0.92 9.04
C ASP A 41 7.35 -0.82 8.02
N ALA A 42 6.10 -0.72 8.49
CA ALA A 42 4.97 -0.65 7.58
C ALA A 42 5.05 0.58 6.68
N ILE A 43 5.21 1.77 7.28
CA ILE A 43 5.19 3.00 6.50
C ILE A 43 6.52 3.24 5.77
N SER A 44 7.59 2.56 6.19
CA SER A 44 8.84 2.58 5.45
C SER A 44 8.81 1.69 4.21
N ARG A 45 7.82 0.80 4.10
CA ARG A 45 7.68 -0.05 2.93
C ARG A 45 7.73 0.79 1.66
N PRO A 46 8.29 0.26 0.57
CA PRO A 46 8.27 1.02 -0.68
C PRO A 46 7.00 0.77 -1.49
N ALA A 47 6.99 1.18 -2.76
CA ALA A 47 5.82 1.01 -3.62
C ALA A 47 5.34 -0.43 -3.63
N GLU A 48 4.06 -0.61 -3.36
CA GLU A 48 3.44 -1.93 -3.29
C GLU A 48 2.63 -2.17 -4.57
N ARG A 49 2.86 -3.32 -5.21
CA ARG A 49 2.27 -3.62 -6.51
C ARG A 49 0.78 -3.33 -6.56
N VAL A 50 0.41 -2.27 -7.29
CA VAL A 50 -1.01 -1.94 -7.45
C VAL A 50 -1.70 -3.01 -8.29
N LYS A 51 -2.97 -3.26 -7.98
CA LYS A 51 -3.72 -4.38 -8.55
C LYS A 51 -4.62 -3.93 -9.69
N GLN A 52 -4.91 -4.86 -10.59
CA GLN A 52 -5.90 -4.62 -11.62
C GLN A 52 -7.30 -4.84 -11.06
N TRP A 53 -8.23 -4.01 -11.51
CA TRP A 53 -9.64 -4.13 -11.13
C TRP A 53 -10.08 -5.59 -11.14
N LYS A 54 -9.62 -6.34 -12.15
CA LYS A 54 -9.92 -7.77 -12.21
C LYS A 54 -9.65 -8.46 -10.88
N GLU A 55 -8.58 -8.05 -10.19
CA GLU A 55 -8.19 -8.65 -8.91
C GLU A 55 -8.61 -7.83 -7.71
N TYR A 56 -8.79 -6.52 -7.87
CA TYR A 56 -9.12 -5.66 -6.73
C TYR A 56 -10.58 -5.83 -6.34
N ARG A 57 -11.49 -5.83 -7.32
CA ARG A 57 -12.92 -5.88 -7.01
C ARG A 57 -13.32 -7.12 -6.21
N PRO A 58 -12.91 -8.33 -6.58
CA PRO A 58 -13.37 -9.51 -5.83
C PRO A 58 -12.91 -9.54 -4.38
N ILE A 59 -11.90 -8.74 -4.01
CA ILE A 59 -11.46 -8.67 -2.62
C ILE A 59 -12.48 -7.97 -1.74
N PHE A 60 -13.31 -7.11 -2.31
CA PHE A 60 -14.25 -6.31 -1.54
C PHE A 60 -15.71 -6.54 -1.91
N ILE A 61 -16.00 -7.13 -3.06
CA ILE A 61 -17.35 -7.55 -3.40
C ILE A 61 -17.44 -9.06 -3.26
N SER A 62 -17.36 -9.54 -2.03
CA SER A 62 -17.46 -10.97 -1.73
C SER A 62 -18.77 -11.26 -1.04
N ASP A 63 -19.26 -12.49 -1.21
CA ASP A 63 -20.51 -12.89 -0.57
C ASP A 63 -20.49 -12.58 0.92
N ALA A 64 -19.37 -12.89 1.59
CA ALA A 64 -19.27 -12.61 3.02
C ALA A 64 -19.40 -11.12 3.30
N ARG A 65 -18.70 -10.29 2.53
CA ARG A 65 -18.75 -8.85 2.76
C ARG A 65 -20.15 -8.32 2.54
N ILE A 66 -20.82 -8.75 1.46
CA ILE A 66 -22.18 -8.31 1.19
C ILE A 66 -23.12 -8.78 2.29
N SER A 67 -23.08 -10.08 2.60
CA SER A 67 -23.99 -10.66 3.58
C SER A 67 -23.91 -9.91 4.90
N ARG A 68 -22.70 -9.74 5.43
CA ARG A 68 -22.56 -9.00 6.69
C ARG A 68 -22.99 -7.55 6.53
N GLY A 69 -22.98 -7.02 5.30
CA GLY A 69 -23.45 -5.67 5.07
C GLY A 69 -24.96 -5.55 5.18
N VAL A 70 -25.69 -6.60 4.78
CA VAL A 70 -27.14 -6.59 4.96
C VAL A 70 -27.51 -6.74 6.43
N ASP A 71 -26.77 -7.57 7.16
CA ASP A 71 -27.00 -7.70 8.60
C ASP A 71 -26.76 -6.38 9.30
N PHE A 72 -25.65 -5.71 8.97
CA PHE A 72 -25.37 -4.41 9.56
C PHE A 72 -26.50 -3.42 9.24
N TRP A 73 -27.00 -3.45 8.01
CA TRP A 73 -28.07 -2.55 7.62
C TRP A 73 -29.36 -2.88 8.37
N ASN A 74 -29.79 -4.14 8.34
CA ASN A 74 -30.96 -4.55 9.12
C ASN A 74 -30.87 -4.05 10.56
N LYS A 75 -29.72 -4.25 11.20
CA LYS A 75 -29.60 -3.92 12.62
C LYS A 75 -29.72 -2.42 12.89
N HIS A 76 -29.23 -1.58 11.98
CA HIS A 76 -29.22 -0.13 12.20
C HIS A 76 -30.05 0.60 11.14
N ALA A 77 -31.11 -0.04 10.65
CA ALA A 77 -31.90 0.57 9.59
C ALA A 77 -32.47 1.91 9.99
N GLU A 78 -32.82 2.09 11.27
CA GLU A 78 -33.43 3.36 11.67
C GLU A 78 -32.40 4.48 11.71
N ASP A 79 -31.18 4.20 12.18
CA ASP A 79 -30.14 5.21 12.19
C ASP A 79 -29.68 5.54 10.77
N LEU A 80 -29.62 4.52 9.90
CA LEU A 80 -29.27 4.76 8.52
C LEU A 80 -30.33 5.63 7.83
N ALA A 81 -31.61 5.33 8.06
CA ALA A 81 -32.66 6.17 7.52
C ALA A 81 -32.57 7.59 8.05
N ARG A 82 -32.16 7.74 9.32
CA ARG A 82 -31.98 9.08 9.88
C ARG A 82 -30.80 9.79 9.22
N ALA A 83 -29.68 9.09 9.05
CA ALA A 83 -28.51 9.72 8.45
C ALA A 83 -28.78 10.14 7.01
N GLU A 84 -29.49 9.30 6.25
CA GLU A 84 -29.76 9.62 4.85
C GLU A 84 -30.77 10.76 4.72
N LYS A 85 -31.69 10.90 5.67
CA LYS A 85 -32.64 12.00 5.61
C LYS A 85 -31.98 13.32 5.97
N GLU A 86 -31.08 13.31 6.95
CA GLU A 86 -30.50 14.55 7.46
C GLU A 86 -29.33 15.02 6.63
N TYR A 87 -28.52 14.09 6.12
CA TYR A 87 -27.30 14.45 5.41
C TYR A 87 -27.37 14.28 3.90
N GLY A 88 -28.46 13.70 3.39
CA GLY A 88 -28.59 13.56 1.95
C GLY A 88 -27.65 12.54 1.34
N VAL A 89 -27.06 11.67 2.15
CA VAL A 89 -26.12 10.67 1.65
C VAL A 89 -26.80 9.31 1.66
N PRO A 90 -26.63 8.49 0.61
CA PRO A 90 -27.32 7.20 0.57
C PRO A 90 -26.89 6.30 1.71
N ALA A 91 -27.84 5.49 2.18
CA ALA A 91 -27.53 4.54 3.27
C ALA A 91 -26.60 3.43 2.79
N GLU A 92 -26.85 2.89 1.59
CA GLU A 92 -25.98 1.83 1.08
C GLU A 92 -24.53 2.32 0.95
N ILE A 93 -24.33 3.60 0.70
CA ILE A 93 -22.97 4.13 0.65
C ILE A 93 -22.35 4.14 2.04
N ILE A 94 -23.11 4.57 3.05
CA ILE A 94 -22.59 4.58 4.41
C ILE A 94 -22.22 3.17 4.85
N VAL A 95 -23.13 2.21 4.63
CA VAL A 95 -22.83 0.82 4.97
C VAL A 95 -21.61 0.33 4.20
N SER A 96 -21.49 0.75 2.94
CA SER A 96 -20.38 0.25 2.11
C SER A 96 -19.04 0.80 2.57
N ILE A 97 -19.00 2.06 2.97
CA ILE A 97 -17.77 2.63 3.53
C ILE A 97 -17.32 1.84 4.75
N ILE A 98 -18.26 1.61 5.68
CA ILE A 98 -17.91 0.89 6.90
C ILE A 98 -17.56 -0.56 6.61
N GLY A 99 -18.22 -1.16 5.62
CA GLY A 99 -17.88 -2.53 5.25
C GLY A 99 -16.53 -2.64 4.58
N VAL A 100 -16.10 -1.60 3.89
CA VAL A 100 -14.80 -1.61 3.22
C VAL A 100 -13.67 -1.21 4.17
N GLU A 101 -13.91 -0.19 5.01
CA GLU A 101 -12.86 0.31 5.88
C GLU A 101 -12.51 -0.69 6.98
N THR A 102 -13.53 -1.31 7.60
CA THR A 102 -13.30 -2.19 8.74
C THR A 102 -13.99 -3.54 8.64
N PHE A 103 -14.73 -3.82 7.57
CA PHE A 103 -15.52 -5.04 7.48
C PHE A 103 -16.60 -5.05 8.56
N PHE A 104 -17.11 -3.87 8.90
CA PHE A 104 -18.18 -3.73 9.90
C PHE A 104 -17.67 -4.07 11.30
N GLY A 105 -16.42 -3.67 11.59
CA GLY A 105 -15.86 -3.78 12.93
C GLY A 105 -14.80 -4.85 13.10
N ARG A 106 -14.62 -5.73 12.12
CA ARG A 106 -13.65 -6.83 12.28
C ARG A 106 -12.22 -6.31 12.30
N ASN A 107 -11.94 -5.18 11.68
CA ASN A 107 -10.57 -4.66 11.55
C ASN A 107 -10.51 -3.21 12.00
N THR A 108 -11.08 -2.92 13.17
CA THR A 108 -11.13 -1.53 13.64
C THR A 108 -9.73 -0.93 13.79
N GLY A 109 -8.77 -1.72 14.26
CA GLY A 109 -7.44 -1.18 14.50
C GLY A 109 -6.69 -1.87 15.62
N SER A 110 -5.40 -2.13 15.39
CA SER A 110 -4.59 -2.96 16.27
C SER A 110 -3.71 -2.18 17.23
N TYR A 111 -3.50 -0.89 16.98
CA TYR A 111 -2.57 -0.08 17.76
C TYR A 111 -3.31 0.97 18.58
N ARG A 112 -2.71 1.36 19.70
CA ARG A 112 -3.21 2.52 20.43
C ARG A 112 -2.86 3.78 19.65
N VAL A 113 -3.87 4.62 19.40
CA VAL A 113 -3.64 5.82 18.59
C VAL A 113 -2.43 6.58 19.09
N MET A 114 -2.27 6.67 20.42
CA MET A 114 -1.17 7.42 21.00
C MET A 114 0.19 6.87 20.56
N ASP A 115 0.32 5.53 20.50
CA ASP A 115 1.56 4.94 20.03
C ASP A 115 1.78 5.25 18.55
N ALA A 116 0.75 5.06 17.73
CA ALA A 116 0.89 5.23 16.28
C ALA A 116 1.29 6.67 15.94
N LEU A 117 0.54 7.64 16.44
CA LEU A 117 0.81 9.03 16.06
C LEU A 117 2.12 9.53 16.67
N SER A 118 2.49 9.04 17.85
CA SER A 118 3.78 9.42 18.43
C SER A 118 4.93 8.80 17.65
N THR A 119 4.89 7.48 17.43
CA THR A 119 5.91 6.82 16.62
C THR A 119 6.12 7.56 15.30
N LEU A 120 5.02 7.90 14.61
CA LEU A 120 5.13 8.58 13.32
C LEU A 120 5.55 10.04 13.50
N GLY A 121 4.83 10.78 14.34
CA GLY A 121 5.09 12.21 14.45
C GLY A 121 6.48 12.54 14.94
N PHE A 122 7.11 11.64 15.69
CA PHE A 122 8.43 11.91 16.25
C PHE A 122 9.55 11.04 15.69
N ASP A 123 9.22 9.93 15.02
CA ASP A 123 10.24 9.01 14.53
C ASP A 123 10.14 8.73 13.04
N TYR A 124 9.27 9.43 12.31
CA TYR A 124 9.18 9.27 10.85
C TYR A 124 9.28 10.64 10.19
N PRO A 125 10.47 11.00 9.71
CA PRO A 125 10.69 12.39 9.24
C PRO A 125 9.88 12.72 8.00
N PRO A 126 9.78 11.83 7.02
CA PRO A 126 9.10 12.20 5.76
C PRO A 126 7.74 12.84 5.96
N ARG A 127 6.97 12.41 6.97
CA ARG A 127 5.67 13.04 7.23
C ARG A 127 5.47 13.37 8.70
N ALA A 128 6.56 13.59 9.45
CA ALA A 128 6.43 13.84 10.88
C ALA A 128 5.51 15.03 11.14
N ASP A 129 5.67 16.11 10.36
CA ASP A 129 4.85 17.30 10.60
C ASP A 129 3.37 16.99 10.45
N PHE A 130 3.01 16.15 9.47
CA PHE A 130 1.60 15.78 9.31
C PHE A 130 1.10 15.02 10.53
N PHE A 131 1.85 14.01 10.97
CA PHE A 131 1.39 13.16 12.06
C PHE A 131 1.52 13.81 13.43
N ARG A 132 2.17 14.96 13.53
CA ARG A 132 2.11 15.74 14.75
C ARG A 132 0.89 16.64 14.78
N LYS A 133 0.38 17.05 13.62
CA LYS A 133 -0.92 17.70 13.56
C LYS A 133 -2.02 16.75 14.01
N GLU A 134 -1.99 15.50 13.54
CA GLU A 134 -2.98 14.53 13.97
C GLU A 134 -2.84 14.21 15.46
N LEU A 135 -1.61 14.12 15.95
CA LEU A 135 -1.41 13.91 17.37
C LEU A 135 -2.03 15.04 18.17
N ARG A 136 -1.91 16.27 17.69
CA ARG A 136 -2.49 17.40 18.41
C ARG A 136 -4.01 17.33 18.42
N GLU A 137 -4.62 17.10 17.26
CA GLU A 137 -6.08 16.96 17.22
C GLU A 137 -6.53 15.80 18.11
N PHE A 138 -5.71 14.77 18.25
CA PHE A 138 -6.11 13.62 19.06
C PHE A 138 -6.15 13.97 20.54
N LEU A 139 -5.14 14.67 21.03
CA LEU A 139 -5.18 15.13 22.42
C LEU A 139 -6.35 16.06 22.64
N LEU A 140 -6.64 16.92 21.65
CA LEU A 140 -7.81 17.77 21.75
C LEU A 140 -9.10 16.95 21.79
N LEU A 141 -9.21 15.94 20.92
CA LEU A 141 -10.45 15.16 20.88
C LEU A 141 -10.61 14.28 22.11
N ALA A 142 -9.49 13.79 22.67
CA ALA A 142 -9.58 13.02 23.90
C ALA A 142 -10.00 13.89 25.07
N ARG A 143 -9.63 15.18 25.05
CA ARG A 143 -10.09 16.09 26.08
C ARG A 143 -11.58 16.37 25.94
N GLU A 144 -12.05 16.58 24.70
CA GLU A 144 -13.46 16.92 24.48
C GLU A 144 -14.38 15.78 24.92
N GLN A 145 -14.00 14.54 24.61
CA GLN A 145 -14.84 13.39 24.96
C GLN A 145 -14.69 12.98 26.42
N GLN A 146 -13.77 13.60 27.17
CA GLN A 146 -13.51 13.22 28.55
C GLN A 146 -13.13 11.75 28.66
N VAL A 147 -12.47 11.22 27.64
CA VAL A 147 -12.00 9.86 27.65
C VAL A 147 -10.50 9.87 27.89
N ASP A 148 -9.98 8.72 28.21
CA ASP A 148 -8.56 8.75 28.51
C ASP A 148 -7.76 8.34 27.27
N PRO A 149 -6.69 9.07 26.95
CA PRO A 149 -6.06 8.92 25.63
C PRO A 149 -5.51 7.53 25.32
N LEU A 150 -5.15 6.74 26.32
CA LEU A 150 -4.54 5.45 26.05
C LEU A 150 -5.57 4.35 25.79
N SER A 151 -6.86 4.65 25.95
CA SER A 151 -7.90 3.66 25.74
C SER A 151 -8.40 3.61 24.30
N LEU A 152 -7.92 4.50 23.44
CA LEU A 152 -8.38 4.58 22.06
C LEU A 152 -7.43 3.81 21.15
N THR A 153 -8.00 3.11 20.16
CA THR A 153 -7.22 2.30 19.25
C THR A 153 -7.48 2.73 17.82
N GLY A 154 -6.66 2.21 16.90
CA GLY A 154 -6.77 2.59 15.51
C GLY A 154 -5.73 1.86 14.69
N SER A 155 -5.66 2.24 13.42
CA SER A 155 -4.74 1.63 12.48
C SER A 155 -3.30 2.03 12.79
N TYR A 156 -2.37 1.43 12.04
CA TYR A 156 -0.96 1.77 12.19
C TYR A 156 -0.69 3.25 11.92
N ALA A 157 -1.57 3.92 11.19
CA ALA A 157 -1.43 5.35 10.91
C ALA A 157 -2.41 6.21 11.70
N GLY A 158 -3.19 5.61 12.61
CA GLY A 158 -4.02 6.37 13.50
C GLY A 158 -5.45 6.61 13.05
N ALA A 159 -5.97 5.81 12.13
CA ALA A 159 -7.36 5.89 11.74
C ALA A 159 -8.18 5.04 12.71
N MET A 160 -9.30 5.60 13.20
CA MET A 160 -9.97 5.11 14.38
C MET A 160 -11.39 4.65 14.08
N GLY A 161 -11.80 3.58 14.76
CA GLY A 161 -13.19 3.20 14.81
C GLY A 161 -13.72 2.50 13.57
N LEU A 162 -15.04 2.40 13.53
CA LEU A 162 -15.70 1.79 12.37
C LEU A 162 -15.44 2.53 11.07
N PRO A 163 -15.48 3.86 11.01
CA PRO A 163 -15.22 4.56 9.75
C PRO A 163 -13.76 4.87 9.47
N GLN A 164 -12.85 4.54 10.39
CA GLN A 164 -11.43 4.82 10.23
C GLN A 164 -11.18 6.31 10.01
N PHE A 165 -11.70 7.12 10.93
CA PHE A 165 -11.40 8.55 10.93
C PHE A 165 -10.04 8.80 11.56
N MET A 166 -9.19 9.58 10.89
CA MET A 166 -8.04 10.13 11.56
C MET A 166 -8.48 11.23 12.51
N PRO A 167 -7.68 11.52 13.54
CA PRO A 167 -8.14 12.45 14.58
C PRO A 167 -8.69 13.76 14.03
N SER A 168 -8.06 14.34 13.00
CA SER A 168 -8.54 15.62 12.50
C SER A 168 -9.92 15.50 11.87
N SER A 169 -10.18 14.38 11.17
CA SER A 169 -11.51 14.14 10.64
C SER A 169 -12.52 13.95 11.77
N PHE A 170 -12.11 13.30 12.86
CA PHE A 170 -12.99 13.15 14.01
C PHE A 170 -13.45 14.51 14.51
N ARG A 171 -12.52 15.44 14.72
CA ARG A 171 -12.88 16.74 15.28
C ARG A 171 -13.75 17.55 14.32
N ALA A 172 -13.54 17.39 13.01
CA ALA A 172 -14.20 18.24 12.02
C ALA A 172 -15.49 17.65 11.47
N TYR A 173 -15.72 16.34 11.61
CA TYR A 173 -16.87 15.75 10.95
C TYR A 173 -17.70 14.84 11.85
N ALA A 174 -17.06 14.05 12.72
CA ALA A 174 -17.79 13.12 13.56
C ALA A 174 -18.88 13.85 14.34
N VAL A 175 -20.00 13.17 14.54
CA VAL A 175 -21.16 13.75 15.21
C VAL A 175 -21.70 12.76 16.23
N ASP A 176 -22.27 13.30 17.30
CA ASP A 176 -23.04 12.51 18.28
C ASP A 176 -24.42 12.28 17.68
N PHE A 177 -24.65 11.08 17.16
CA PHE A 177 -25.83 10.80 16.34
C PHE A 177 -26.93 10.03 17.07
N ASP A 178 -26.73 9.66 18.33
CA ASP A 178 -27.80 9.05 19.11
C ASP A 178 -28.11 9.86 20.38
N GLY A 179 -27.62 11.10 20.45
CA GLY A 179 -27.96 12.00 21.52
C GLY A 179 -27.69 11.48 22.92
N ASP A 180 -26.51 10.92 23.15
CA ASP A 180 -26.12 10.48 24.48
C ASP A 180 -24.96 11.28 25.05
N GLY A 181 -24.38 12.21 24.29
CA GLY A 181 -23.35 13.10 24.79
C GLY A 181 -21.93 12.73 24.41
N HIS A 182 -21.70 11.51 23.90
CA HIS A 182 -20.38 11.09 23.47
C HIS A 182 -20.35 10.93 21.96
N ILE A 183 -19.14 10.87 21.41
CA ILE A 183 -18.92 10.53 20.01
C ILE A 183 -18.03 9.28 20.04
N ASN A 184 -18.66 8.11 19.96
CA ASN A 184 -17.95 6.83 20.04
C ASN A 184 -18.05 6.15 18.69
N ILE A 185 -17.07 6.43 17.81
CA ILE A 185 -17.00 5.76 16.52
C ILE A 185 -16.36 4.39 16.60
N TRP A 186 -15.93 3.96 17.79
CA TRP A 186 -15.28 2.66 17.94
C TRP A 186 -16.29 1.53 18.10
N SER A 187 -17.30 1.73 18.95
CA SER A 187 -18.25 0.68 19.27
C SER A 187 -19.71 1.12 19.22
N ASP A 188 -20.00 2.37 18.86
CA ASP A 188 -21.37 2.87 18.75
C ASP A 188 -21.73 3.06 17.28
N PRO A 189 -22.26 2.02 16.62
CA PRO A 189 -22.53 2.13 15.18
C PRO A 189 -23.35 3.35 14.78
N THR A 190 -24.21 3.84 15.68
CA THR A 190 -25.01 5.03 15.35
C THR A 190 -24.10 6.22 15.05
N ASP A 191 -23.11 6.48 15.92
CA ASP A 191 -22.17 7.57 15.67
C ASP A 191 -21.34 7.30 14.42
N ALA A 192 -20.98 6.04 14.18
CA ALA A 192 -20.29 5.70 12.93
C ALA A 192 -21.16 6.07 11.73
N ILE A 193 -22.44 5.68 11.77
CA ILE A 193 -23.36 5.98 10.68
C ILE A 193 -23.43 7.49 10.45
N GLY A 194 -23.76 8.24 11.51
CA GLY A 194 -23.89 9.68 11.37
C GLY A 194 -22.59 10.35 10.97
N SER A 195 -21.47 9.85 11.49
CA SER A 195 -20.18 10.48 11.23
C SER A 195 -19.78 10.35 9.76
N VAL A 196 -19.96 9.17 9.17
CA VAL A 196 -19.66 9.01 7.74
C VAL A 196 -20.52 9.94 6.91
N ALA A 197 -21.82 10.05 7.24
CA ALA A 197 -22.72 10.90 6.46
C ALA A 197 -22.31 12.37 6.58
N SER A 198 -21.94 12.80 7.80
CA SER A 198 -21.47 14.17 7.97
C SER A 198 -20.20 14.41 7.15
N TYR A 199 -19.32 13.41 7.08
CA TYR A 199 -18.12 13.52 6.26
C TYR A 199 -18.48 13.73 4.80
N PHE A 200 -19.32 12.85 4.25
CA PHE A 200 -19.65 12.92 2.83
C PHE A 200 -20.33 14.25 2.49
N LYS A 201 -21.32 14.64 3.30
CA LYS A 201 -22.02 15.89 3.00
C LYS A 201 -21.07 17.07 3.01
N GLN A 202 -20.13 17.09 3.96
CA GLN A 202 -19.20 18.21 4.06
C GLN A 202 -18.06 18.14 3.06
N HIS A 203 -17.92 17.03 2.31
CA HIS A 203 -16.95 16.96 1.23
C HIS A 203 -17.59 17.15 -0.13
N GLY A 204 -18.81 17.65 -0.19
CA GLY A 204 -19.41 18.06 -1.44
C GLY A 204 -20.44 17.12 -2.03
N TRP A 205 -20.89 16.11 -1.30
CA TRP A 205 -21.89 15.20 -1.84
C TRP A 205 -23.16 15.97 -2.22
N VAL A 206 -23.62 15.75 -3.44
CA VAL A 206 -24.86 16.35 -3.94
C VAL A 206 -25.93 15.26 -3.94
N THR A 207 -26.92 15.42 -3.07
CA THR A 207 -27.99 14.43 -2.97
C THR A 207 -28.77 14.35 -4.27
N GLY A 208 -28.91 13.12 -4.79
CA GLY A 208 -29.68 12.88 -5.99
C GLY A 208 -28.89 12.84 -7.27
N GLU A 209 -27.64 13.31 -7.28
CA GLU A 209 -26.82 13.21 -8.48
C GLU A 209 -26.23 11.80 -8.58
N PRO A 210 -26.14 11.25 -9.78
CA PRO A 210 -25.52 9.92 -9.93
C PRO A 210 -24.02 10.00 -9.65
N VAL A 211 -23.42 8.84 -9.44
CA VAL A 211 -22.01 8.75 -9.07
C VAL A 211 -21.12 8.48 -10.27
N VAL A 212 -21.47 7.46 -11.07
CA VAL A 212 -20.62 7.00 -12.17
C VAL A 212 -21.50 6.78 -13.39
N SER A 213 -20.85 6.60 -14.53
CA SER A 213 -21.55 6.36 -15.80
C SER A 213 -20.67 5.49 -16.68
N VAL A 214 -21.26 4.46 -17.27
CA VAL A 214 -20.52 3.61 -18.20
C VAL A 214 -20.19 4.41 -19.45
N ALA A 215 -18.99 4.22 -19.99
CA ALA A 215 -18.48 5.04 -21.06
C ALA A 215 -17.92 4.18 -22.18
N GLU A 216 -17.94 4.75 -23.40
CA GLU A 216 -17.30 4.18 -24.58
C GLU A 216 -16.36 5.24 -25.16
N ILE A 217 -15.41 4.79 -25.97
CA ILE A 217 -14.45 5.70 -26.62
C ILE A 217 -14.51 5.51 -28.13
N ASN A 218 -14.41 6.63 -28.85
CA ASN A 218 -14.44 6.63 -30.32
C ASN A 218 -13.13 6.14 -30.92
N ASP A 219 -12.06 6.13 -30.15
CA ASP A 219 -10.72 5.98 -30.71
C ASP A 219 -9.75 5.72 -29.58
N GLU A 220 -8.67 4.99 -29.89
CA GLU A 220 -7.69 4.65 -28.85
C GLU A 220 -6.90 5.87 -28.38
N SER A 221 -6.81 6.92 -29.20
CA SER A 221 -6.16 8.14 -28.73
C SER A 221 -6.97 8.83 -27.64
N ALA A 222 -8.24 8.48 -27.48
CA ALA A 222 -9.03 9.03 -26.39
C ALA A 222 -8.57 8.54 -25.03
N GLU A 223 -7.89 7.38 -24.98
CA GLU A 223 -7.31 6.91 -23.73
C GLU A 223 -6.24 7.84 -23.18
N SER A 224 -5.80 8.82 -23.97
CA SER A 224 -4.91 9.85 -23.45
C SER A 224 -5.59 10.72 -22.39
N ALA A 225 -6.92 10.66 -22.31
CA ALA A 225 -7.68 11.45 -21.35
C ALA A 225 -7.90 10.73 -20.03
N VAL A 226 -7.46 9.47 -19.90
CA VAL A 226 -7.58 8.76 -18.64
C VAL A 226 -6.94 9.60 -17.55
N THR A 227 -7.69 9.82 -16.46
CA THR A 227 -7.22 10.69 -15.38
C THR A 227 -6.09 10.00 -14.62
N ARG A 228 -4.92 10.64 -14.59
CA ARG A 228 -3.81 10.19 -13.75
C ARG A 228 -4.10 10.64 -12.33
N GLY A 229 -4.60 9.73 -11.51
CA GLY A 229 -5.06 10.07 -10.17
C GLY A 229 -6.57 10.18 -10.10
N VAL A 230 -7.04 10.93 -9.10
CA VAL A 230 -8.46 11.06 -8.84
C VAL A 230 -8.94 12.50 -8.95
N ASP A 231 -8.07 13.42 -9.38
CA ASP A 231 -8.45 14.82 -9.49
C ASP A 231 -8.96 15.11 -10.89
N PRO A 232 -10.18 15.63 -11.03
CA PRO A 232 -10.68 15.96 -12.37
C PRO A 232 -9.99 17.19 -12.93
N THR A 233 -9.84 17.20 -14.25
CA THR A 233 -9.19 18.30 -14.96
C THR A 233 -10.01 18.82 -16.13
N MET A 234 -11.15 18.20 -16.44
CA MET A 234 -11.99 18.59 -17.56
C MET A 234 -13.45 18.52 -17.13
N SER A 235 -14.28 19.29 -17.83
CA SER A 235 -15.71 19.07 -17.72
C SER A 235 -16.11 17.89 -18.61
N LEU A 236 -17.32 17.38 -18.39
CA LEU A 236 -17.80 16.29 -19.23
C LEU A 236 -17.84 16.70 -20.69
N GLY A 237 -18.15 17.98 -20.96
CA GLY A 237 -18.10 18.47 -22.32
C GLY A 237 -16.71 18.36 -22.93
N GLU A 238 -15.69 18.65 -22.14
N GLU A 238 -15.68 18.69 -22.16
CA GLU A 238 -14.32 18.51 -22.62
CA GLU A 238 -14.30 18.46 -22.60
C GLU A 238 -13.98 17.04 -22.88
C GLU A 238 -14.08 17.01 -22.93
N LEU A 239 -14.37 16.13 -21.98
CA LEU A 239 -14.05 14.72 -22.15
C LEU A 239 -14.78 14.13 -23.33
N ARG A 240 -16.03 14.56 -23.54
CA ARG A 240 -16.77 14.08 -24.71
C ARG A 240 -16.12 14.58 -25.98
N ALA A 241 -15.65 15.83 -25.98
CA ALA A 241 -14.90 16.36 -27.13
C ALA A 241 -13.62 15.58 -27.39
N ARG A 242 -13.21 14.70 -26.47
CA ARG A 242 -12.02 13.90 -26.62
C ARG A 242 -12.31 12.49 -27.10
N GLY A 243 -13.56 12.16 -27.35
CA GLY A 243 -13.92 10.85 -27.86
C GLY A 243 -14.60 9.92 -26.86
N TRP A 244 -14.97 10.42 -25.68
CA TRP A 244 -15.64 9.61 -24.67
C TRP A 244 -17.16 9.79 -24.77
N ARG A 245 -17.88 8.68 -24.77
CA ARG A 245 -19.34 8.68 -24.84
CA ARG A 245 -19.34 8.69 -24.84
C ARG A 245 -19.89 7.99 -23.61
N THR A 246 -20.68 8.72 -22.81
CA THR A 246 -21.31 8.16 -21.64
C THR A 246 -22.70 7.64 -22.01
N HIS A 247 -23.01 6.42 -21.57
CA HIS A 247 -24.35 5.89 -21.83
C HIS A 247 -25.43 6.81 -21.25
N ASP A 248 -25.15 7.42 -20.10
CA ASP A 248 -26.07 8.35 -19.50
C ASP A 248 -25.96 9.71 -20.17
N ALA A 249 -27.11 10.29 -20.54
CA ALA A 249 -27.15 11.58 -21.22
C ALA A 249 -27.09 12.73 -20.21
N LEU A 250 -25.97 12.79 -19.48
CA LEU A 250 -25.77 13.75 -18.42
C LEU A 250 -25.24 15.07 -18.96
N ARG A 251 -25.45 16.14 -18.17
CA ARG A 251 -25.08 17.48 -18.59
C ARG A 251 -23.59 17.56 -18.90
N ASP A 252 -23.23 18.50 -19.77
CA ASP A 252 -21.82 18.71 -20.11
C ASP A 252 -21.08 19.40 -18.98
N ASP A 253 -21.65 20.48 -18.44
CA ASP A 253 -20.94 21.33 -17.48
C ASP A 253 -20.90 20.65 -16.12
N GLN A 254 -19.83 19.87 -15.91
CA GLN A 254 -19.57 19.26 -14.62
C GLN A 254 -18.19 18.61 -14.69
N LYS A 255 -17.45 18.69 -13.59
CA LYS A 255 -16.10 18.13 -13.55
C LYS A 255 -16.18 16.61 -13.43
N VAL A 256 -15.37 15.91 -14.22
CA VAL A 256 -15.40 14.46 -14.30
C VAL A 256 -13.97 13.92 -14.36
N THR A 257 -13.86 12.63 -14.13
CA THR A 257 -12.64 11.88 -14.39
C THR A 257 -12.98 10.76 -15.36
N ALA A 258 -11.96 10.20 -15.99
CA ALA A 258 -12.13 9.10 -16.92
C ALA A 258 -11.25 7.95 -16.47
N MET A 259 -11.82 6.74 -16.48
CA MET A 259 -11.15 5.59 -15.91
C MET A 259 -11.16 4.43 -16.90
N ARG A 260 -10.03 3.73 -16.97
CA ARG A 260 -9.88 2.50 -17.76
C ARG A 260 -9.52 1.38 -16.79
N PHE A 261 -10.47 0.50 -16.50
CA PHE A 261 -10.24 -0.65 -15.64
C PHE A 261 -10.08 -1.89 -16.50
N VAL A 262 -9.19 -2.80 -16.04
CA VAL A 262 -9.09 -4.13 -16.64
C VAL A 262 -10.00 -5.03 -15.78
N GLY A 263 -11.24 -5.16 -16.22
CA GLY A 263 -12.27 -5.82 -15.43
C GLY A 263 -12.32 -7.31 -15.64
N ASP A 264 -13.40 -7.90 -15.12
CA ASP A 264 -13.58 -9.35 -15.21
C ASP A 264 -13.66 -9.79 -16.66
N LYS A 265 -14.42 -9.07 -17.49
CA LYS A 265 -14.71 -9.51 -18.84
C LYS A 265 -14.29 -8.47 -19.88
N GLY A 266 -13.07 -7.96 -19.76
CA GLY A 266 -12.51 -7.04 -20.73
C GLY A 266 -12.28 -5.66 -20.14
N ILE A 267 -11.86 -4.75 -21.02
CA ILE A 267 -11.56 -3.38 -20.62
C ILE A 267 -12.85 -2.64 -20.31
N GLU A 268 -12.85 -1.89 -19.22
CA GLU A 268 -14.02 -1.15 -18.77
C GLU A 268 -13.70 0.33 -18.74
N TYR A 269 -14.53 1.13 -19.40
CA TYR A 269 -14.40 2.58 -19.38
C TYR A 269 -15.51 3.17 -18.53
N TRP A 270 -15.11 4.00 -17.56
CA TRP A 270 -16.05 4.65 -16.66
C TRP A 270 -15.75 6.15 -16.61
N VAL A 271 -16.80 6.95 -16.49
CA VAL A 271 -16.68 8.37 -16.20
C VAL A 271 -17.12 8.57 -14.76
N GLY A 272 -16.22 9.10 -13.93
CA GLY A 272 -16.54 9.40 -12.56
C GLY A 272 -17.11 10.80 -12.42
N LEU A 273 -18.33 10.89 -11.92
CA LEU A 273 -18.99 12.17 -11.76
C LEU A 273 -18.58 12.81 -10.43
N PRO A 274 -18.99 14.05 -10.18
CA PRO A 274 -18.55 14.71 -8.92
C PRO A 274 -18.77 13.89 -7.66
N ASN A 275 -19.93 13.25 -7.49
CA ASN A 275 -20.16 12.44 -6.30
C ASN A 275 -19.12 11.34 -6.17
N PHE A 276 -18.72 10.74 -7.30
CA PHE A 276 -17.64 9.75 -7.27
C PHE A 276 -16.36 10.38 -6.75
N TYR A 277 -16.11 11.64 -7.08
CA TYR A 277 -14.96 12.35 -6.53
C TYR A 277 -15.10 12.55 -5.03
N VAL A 278 -16.34 12.68 -4.53
CA VAL A 278 -16.53 12.82 -3.09
C VAL A 278 -16.13 11.54 -2.37
N ILE A 279 -16.37 10.38 -3.00
CA ILE A 279 -15.96 9.12 -2.39
C ILE A 279 -14.44 9.03 -2.30
N THR A 280 -13.74 9.52 -3.34
CA THR A 280 -12.27 9.47 -3.31
C THR A 280 -11.70 10.41 -2.27
N ARG A 281 -12.46 11.42 -1.84
CA ARG A 281 -12.02 12.22 -0.71
C ARG A 281 -11.88 11.39 0.56
N TYR A 282 -12.50 10.20 0.59
CA TYR A 282 -12.34 9.31 1.72
C TYR A 282 -11.07 8.48 1.61
N ASN A 283 -10.62 8.19 0.39
CA ASN A 283 -9.36 7.49 0.15
C ASN A 283 -9.01 7.67 -1.32
N ARG A 284 -7.98 8.48 -1.58
CA ARG A 284 -7.63 8.88 -2.94
C ARG A 284 -7.30 7.69 -3.83
N SER A 285 -8.34 6.99 -4.31
CA SER A 285 -8.13 5.84 -5.17
C SER A 285 -9.35 5.61 -6.04
N ALA A 286 -9.13 5.46 -7.35
CA ALA A 286 -10.25 5.24 -8.26
C ALA A 286 -10.89 3.88 -8.03
N MET A 287 -10.08 2.85 -7.77
CA MET A 287 -10.65 1.52 -7.55
C MET A 287 -11.34 1.44 -6.20
N TYR A 288 -10.80 2.12 -5.18
CA TYR A 288 -11.50 2.23 -3.91
C TYR A 288 -12.92 2.75 -4.12
N ALA A 289 -13.05 3.90 -4.78
CA ALA A 289 -14.36 4.52 -4.95
C ALA A 289 -15.30 3.62 -5.73
N MET A 290 -14.77 2.93 -6.76
CA MET A 290 -15.61 2.03 -7.52
C MET A 290 -16.03 0.82 -6.69
N ALA A 291 -15.12 0.30 -5.87
CA ALA A 291 -15.48 -0.82 -5.00
C ALA A 291 -16.54 -0.41 -3.97
N VAL A 292 -16.45 0.82 -3.47
CA VAL A 292 -17.45 1.31 -2.52
C VAL A 292 -18.81 1.47 -3.22
N TYR A 293 -18.83 2.10 -4.39
CA TYR A 293 -20.08 2.35 -5.09
C TYR A 293 -20.77 1.04 -5.48
N GLN A 294 -20.02 0.10 -6.06
CA GLN A 294 -20.62 -1.16 -6.47
C GLN A 294 -21.01 -2.01 -5.26
N LEU A 295 -20.19 -1.99 -4.20
CA LEU A 295 -20.56 -2.75 -3.00
C LEU A 295 -21.87 -2.25 -2.42
N ALA A 296 -22.05 -0.94 -2.34
CA ALA A 296 -23.32 -0.39 -1.88
C ALA A 296 -24.48 -0.87 -2.75
N GLY A 297 -24.23 -1.10 -4.03
CA GLY A 297 -25.27 -1.63 -4.89
C GLY A 297 -25.59 -3.08 -4.58
N GLU A 298 -24.56 -3.91 -4.38
CA GLU A 298 -24.80 -5.31 -4.05
C GLU A 298 -25.57 -5.46 -2.74
N ILE A 299 -25.28 -4.60 -1.77
CA ILE A 299 -25.91 -4.73 -0.46
C ILE A 299 -27.37 -4.28 -0.52
N ALA A 300 -27.65 -3.24 -1.31
CA ALA A 300 -29.04 -2.85 -1.51
C ALA A 300 -29.81 -3.92 -2.28
N ARG A 301 -29.15 -4.64 -3.18
CA ARG A 301 -29.79 -5.74 -3.87
C ARG A 301 -30.12 -6.88 -2.91
N ALA A 302 -29.14 -7.31 -2.11
CA ALA A 302 -29.33 -8.46 -1.24
C ALA A 302 -30.27 -8.17 -0.07
N ARG A 303 -30.43 -6.90 0.31
CA ARG A 303 -31.27 -6.57 1.46
C ARG A 303 -32.76 -6.76 1.16
N GLY A 304 -33.16 -6.78 -0.11
CA GLY A 304 -34.56 -6.93 -0.47
C GLY A 304 -34.86 -8.24 -1.16
N ASP B 1 -3.09 -22.18 19.54
CA ASP B 1 -3.74 -21.20 18.66
C ASP B 1 -4.20 -21.86 17.36
N TYR B 2 -3.24 -22.30 16.55
CA TYR B 2 -3.53 -23.13 15.39
C TYR B 2 -3.50 -24.62 15.73
N ASP B 3 -3.45 -24.95 17.03
CA ASP B 3 -3.36 -26.33 17.50
C ASP B 3 -4.44 -27.20 16.87
N GLY B 4 -5.70 -26.91 17.19
CA GLY B 4 -6.81 -27.69 16.65
C GLY B 4 -7.49 -27.02 15.48
N SER B 5 -7.12 -27.41 14.26
CA SER B 5 -7.64 -26.77 13.06
C SER B 5 -7.69 -27.78 11.92
N PRO B 6 -8.75 -27.76 11.10
CA PRO B 6 -8.84 -28.71 9.98
C PRO B 6 -7.96 -28.27 8.82
N GLN B 7 -7.89 -26.96 8.61
CA GLN B 7 -7.02 -26.41 7.59
C GLN B 7 -5.55 -26.68 7.91
N VAL B 8 -5.18 -26.56 9.19
CA VAL B 8 -3.80 -26.84 9.59
C VAL B 8 -3.49 -28.33 9.42
N ALA B 9 -4.42 -29.20 9.83
CA ALA B 9 -4.20 -30.64 9.67
C ALA B 9 -4.03 -31.00 8.20
N GLU B 10 -4.80 -30.38 7.30
CA GLU B 10 -4.61 -30.63 5.87
C GLU B 10 -3.26 -30.13 5.39
N PHE B 11 -2.78 -29.01 5.95
CA PHE B 11 -1.48 -28.50 5.55
C PHE B 11 -0.35 -29.41 6.05
N VAL B 12 -0.42 -29.81 7.33
CA VAL B 12 0.57 -30.74 7.86
C VAL B 12 0.48 -32.09 7.17
N SER B 13 -0.70 -32.42 6.62
CA SER B 13 -0.84 -33.67 5.87
C SER B 13 -0.04 -33.62 4.57
N GLU B 14 -0.18 -32.52 3.81
CA GLU B 14 0.60 -32.37 2.58
C GLU B 14 2.09 -32.32 2.89
N MET B 15 2.48 -31.59 3.93
CA MET B 15 3.89 -31.43 4.24
C MET B 15 4.55 -32.76 4.53
N THR B 16 3.90 -33.59 5.35
CA THR B 16 4.45 -34.88 5.71
C THR B 16 4.30 -35.92 4.59
N ARG B 17 3.55 -35.60 3.54
CA ARG B 17 3.28 -36.52 2.45
C ARG B 17 4.14 -36.25 1.22
N ASP B 18 4.31 -34.98 0.83
CA ASP B 18 5.12 -34.64 -0.33
C ASP B 18 6.57 -34.34 0.02
N TYR B 19 6.81 -33.73 1.18
CA TYR B 19 8.14 -33.27 1.55
C TYR B 19 8.69 -34.01 2.77
N GLY B 20 8.07 -35.10 3.18
CA GLY B 20 8.64 -35.99 4.17
C GLY B 20 8.85 -35.40 5.55
N PHE B 21 8.07 -34.40 5.93
CA PHE B 21 8.16 -33.88 7.28
C PHE B 21 7.49 -34.84 8.26
N ALA B 22 8.00 -34.85 9.49
CA ALA B 22 7.38 -35.62 10.56
C ALA B 22 6.18 -34.85 11.09
N GLY B 23 4.97 -35.33 10.76
CA GLY B 23 3.76 -34.59 11.12
C GLY B 23 3.63 -34.31 12.60
N GLU B 24 4.20 -35.17 13.45
CA GLU B 24 4.11 -34.95 14.89
C GLU B 24 4.82 -33.66 15.29
N GLN B 25 6.06 -33.48 14.83
CA GLN B 25 6.81 -32.27 15.18
C GLN B 25 6.24 -31.04 14.52
N LEU B 26 5.68 -31.17 13.31
CA LEU B 26 5.00 -30.04 12.70
C LEU B 26 3.86 -29.55 13.59
N MET B 27 3.07 -30.47 14.14
CA MET B 27 1.98 -30.07 15.04
C MET B 27 2.51 -29.35 16.26
N GLY B 28 3.63 -29.83 16.82
CA GLY B 28 4.23 -29.12 17.94
C GLY B 28 4.69 -27.71 17.58
N LEU B 29 5.13 -27.52 16.34
CA LEU B 29 5.56 -26.19 15.91
C LEU B 29 4.37 -25.23 15.83
N PHE B 30 3.28 -25.64 15.17
CA PHE B 30 2.12 -24.77 15.03
C PHE B 30 1.47 -24.44 16.37
N ARG B 31 1.69 -25.27 17.39
CA ARG B 31 1.18 -24.94 18.71
C ARG B 31 1.77 -23.64 19.23
N ASP B 32 3.00 -23.31 18.81
CA ASP B 32 3.70 -22.12 19.26
C ASP B 32 3.59 -20.97 18.27
N VAL B 33 2.79 -21.13 17.21
CA VAL B 33 2.58 -20.08 16.22
C VAL B 33 1.39 -19.23 16.65
N ASN B 34 1.53 -17.91 16.51
CA ASN B 34 0.54 -16.96 17.00
C ASN B 34 -0.13 -16.27 15.83
N ARG B 35 -1.45 -16.35 15.79
CA ARG B 35 -2.24 -15.58 14.81
C ARG B 35 -2.09 -14.09 15.13
N LYS B 36 -1.64 -13.31 14.14
CA LYS B 36 -1.30 -11.90 14.34
C LYS B 36 -2.45 -11.03 13.82
N GLN B 37 -3.14 -10.36 14.74
CA GLN B 37 -4.25 -9.51 14.34
C GLN B 37 -3.78 -8.32 13.51
N SER B 38 -2.64 -7.73 13.89
CA SER B 38 -2.16 -6.55 13.18
C SER B 38 -1.90 -6.86 11.70
N ILE B 39 -1.40 -8.06 11.41
CA ILE B 39 -1.17 -8.46 10.03
C ILE B 39 -2.49 -8.51 9.27
N LEU B 40 -3.54 -9.07 9.90
CA LEU B 40 -4.83 -9.15 9.23
C LEU B 40 -5.39 -7.76 8.94
N ASP B 41 -5.36 -6.86 9.92
CA ASP B 41 -5.77 -5.48 9.66
C ASP B 41 -4.96 -4.87 8.53
N ALA B 42 -3.65 -5.11 8.52
CA ALA B 42 -2.79 -4.59 7.47
C ALA B 42 -3.28 -5.01 6.09
N ILE B 43 -3.30 -6.32 5.84
CA ILE B 43 -3.65 -6.82 4.51
C ILE B 43 -5.13 -6.67 4.21
N SER B 44 -5.98 -6.58 5.23
CA SER B 44 -7.42 -6.41 5.04
C SER B 44 -7.77 -4.94 4.85
N ARG B 45 -6.85 -4.15 4.31
CA ARG B 45 -7.04 -2.73 4.18
C ARG B 45 -7.04 -2.33 2.71
N PRO B 46 -7.94 -1.43 2.32
CA PRO B 46 -7.95 -0.96 0.93
C PRO B 46 -6.62 -0.32 0.59
N ALA B 47 -6.09 -0.65 -0.59
CA ALA B 47 -4.77 -0.15 -0.97
C ALA B 47 -4.72 1.37 -0.85
N GLU B 48 -3.54 1.86 -0.45
CA GLU B 48 -3.34 3.29 -0.26
C GLU B 48 -3.31 4.03 -1.59
N ARG B 49 -3.51 5.34 -1.53
CA ARG B 49 -3.39 6.17 -2.71
C ARG B 49 -1.99 6.06 -3.31
N VAL B 50 -1.91 6.11 -4.63
CA VAL B 50 -0.62 6.11 -5.31
C VAL B 50 -0.11 7.55 -5.34
N LYS B 51 1.13 7.74 -4.90
CA LYS B 51 1.71 9.08 -4.80
C LYS B 51 2.28 9.54 -6.15
N GLN B 52 2.32 10.85 -6.34
CA GLN B 52 2.99 11.41 -7.49
C GLN B 52 4.50 11.25 -7.34
N TRP B 53 5.18 11.09 -8.47
CA TRP B 53 6.64 11.02 -8.46
C TRP B 53 7.23 12.17 -7.65
N LYS B 54 6.60 13.35 -7.74
CA LYS B 54 7.08 14.51 -6.99
C LYS B 54 7.20 14.18 -5.50
N GLU B 55 6.30 13.37 -4.98
CA GLU B 55 6.27 13.00 -3.56
C GLU B 55 6.99 11.69 -3.27
N TYR B 56 6.80 10.69 -4.13
CA TYR B 56 7.40 9.37 -3.90
C TYR B 56 8.93 9.45 -3.92
N ARG B 57 9.48 10.26 -4.83
CA ARG B 57 10.93 10.26 -5.03
C ARG B 57 11.71 10.71 -3.80
N PRO B 58 11.42 11.86 -3.20
CA PRO B 58 12.24 12.32 -2.06
C PRO B 58 12.18 11.40 -0.85
N ILE B 59 11.26 10.43 -0.82
CA ILE B 59 11.19 9.50 0.29
C ILE B 59 12.31 8.48 0.25
N PHE B 60 12.93 8.28 -0.91
CA PHE B 60 13.97 7.28 -1.05
C PHE B 60 15.28 7.83 -1.60
N ILE B 61 15.28 8.99 -2.25
CA ILE B 61 16.52 9.67 -2.59
C ILE B 61 16.72 10.79 -1.58
N SER B 62 17.00 10.42 -0.33
CA SER B 62 17.29 11.37 0.73
C SER B 62 18.78 11.31 1.05
N ASP B 63 19.32 12.44 1.50
CA ASP B 63 20.74 12.49 1.83
C ASP B 63 21.11 11.44 2.87
N ALA B 64 20.18 11.12 3.78
CA ALA B 64 20.45 10.07 4.75
C ALA B 64 20.53 8.70 4.09
N ARG B 65 19.62 8.41 3.17
CA ARG B 65 19.64 7.12 2.49
C ARG B 65 20.88 6.96 1.63
N ILE B 66 21.30 8.03 0.95
CA ILE B 66 22.48 7.98 0.10
C ILE B 66 23.74 7.80 0.95
N SER B 67 23.95 8.71 1.90
CA SER B 67 25.13 8.62 2.77
C SER B 67 25.25 7.24 3.39
N ARG B 68 24.17 6.75 4.00
CA ARG B 68 24.16 5.39 4.50
C ARG B 68 24.47 4.39 3.40
N GLY B 69 24.08 4.70 2.15
CA GLY B 69 24.35 3.81 1.04
C GLY B 69 25.82 3.75 0.67
N VAL B 70 26.55 4.86 0.84
CA VAL B 70 27.99 4.82 0.59
C VAL B 70 28.71 4.08 1.72
N ASP B 71 28.22 4.21 2.95
CA ASP B 71 28.81 3.47 4.07
C ASP B 71 28.69 1.96 3.82
N PHE B 72 27.49 1.51 3.46
CA PHE B 72 27.28 0.09 3.19
C PHE B 72 28.20 -0.39 2.07
N TRP B 73 28.36 0.42 1.02
CA TRP B 73 29.20 0.02 -0.10
C TRP B 73 30.66 -0.07 0.32
N ASN B 74 31.18 0.96 1.00
CA ASN B 74 32.56 0.91 1.49
C ASN B 74 32.81 -0.37 2.28
N LYS B 75 31.89 -0.71 3.19
CA LYS B 75 32.12 -1.83 4.09
C LYS B 75 32.15 -3.17 3.36
N HIS B 76 31.47 -3.29 2.21
CA HIS B 76 31.37 -4.57 1.52
C HIS B 76 31.82 -4.46 0.07
N ALA B 77 32.79 -3.57 -0.19
CA ALA B 77 33.22 -3.33 -1.57
C ALA B 77 33.69 -4.61 -2.25
N GLU B 78 34.47 -5.44 -1.54
CA GLU B 78 35.00 -6.64 -2.19
C GLU B 78 33.91 -7.65 -2.51
N ASP B 79 32.87 -7.73 -1.70
CA ASP B 79 31.75 -8.61 -2.02
C ASP B 79 30.90 -8.04 -3.14
N LEU B 80 30.59 -6.74 -3.07
CA LEU B 80 29.88 -6.09 -4.16
C LEU B 80 30.65 -6.22 -5.46
N ALA B 81 31.98 -6.10 -5.42
CA ALA B 81 32.79 -6.29 -6.61
C ALA B 81 32.71 -7.73 -7.11
N ARG B 82 32.78 -8.70 -6.19
CA ARG B 82 32.64 -10.10 -6.59
C ARG B 82 31.28 -10.35 -7.21
N ALA B 83 30.23 -9.73 -6.66
CA ALA B 83 28.89 -9.99 -7.17
C ALA B 83 28.69 -9.39 -8.55
N GLU B 84 29.18 -8.16 -8.77
CA GLU B 84 29.06 -7.54 -10.09
C GLU B 84 29.86 -8.30 -11.14
N LYS B 85 30.93 -8.99 -10.74
CA LYS B 85 31.71 -9.76 -11.70
C LYS B 85 31.09 -11.12 -11.98
N GLU B 86 30.44 -11.73 -10.99
CA GLU B 86 29.96 -13.10 -11.13
C GLU B 86 28.55 -13.20 -11.71
N TYR B 87 27.69 -12.20 -11.45
CA TYR B 87 26.34 -12.23 -11.97
C TYR B 87 26.07 -11.16 -13.02
N GLY B 88 26.98 -10.21 -13.20
CA GLY B 88 26.80 -9.19 -14.22
C GLY B 88 25.83 -8.10 -13.84
N VAL B 89 25.55 -7.94 -12.56
CA VAL B 89 24.60 -6.93 -12.08
C VAL B 89 25.38 -5.79 -11.45
N PRO B 90 25.04 -4.53 -11.72
CA PRO B 90 25.80 -3.42 -11.16
C PRO B 90 25.82 -3.47 -9.64
N ALA B 91 26.95 -3.04 -9.06
CA ALA B 91 27.09 -3.03 -7.61
C ALA B 91 26.14 -2.02 -6.97
N GLU B 92 25.96 -0.86 -7.61
CA GLU B 92 25.11 0.16 -7.00
C GLU B 92 23.62 -0.17 -7.09
N ILE B 93 23.21 -1.02 -8.04
CA ILE B 93 21.84 -1.50 -8.04
C ILE B 93 21.61 -2.41 -6.84
N ILE B 94 22.54 -3.35 -6.60
CA ILE B 94 22.44 -4.22 -5.43
C ILE B 94 22.36 -3.40 -4.16
N VAL B 95 23.29 -2.44 -4.00
CA VAL B 95 23.27 -1.58 -2.82
C VAL B 95 21.95 -0.82 -2.74
N SER B 96 21.45 -0.35 -3.87
CA SER B 96 20.24 0.47 -3.87
C SER B 96 19.00 -0.34 -3.51
N ILE B 97 18.91 -1.58 -4.01
CA ILE B 97 17.81 -2.47 -3.63
C ILE B 97 17.76 -2.64 -2.12
N ILE B 98 18.91 -2.96 -1.51
CA ILE B 98 18.94 -3.19 -0.06
C ILE B 98 18.66 -1.89 0.70
N GLY B 99 19.05 -0.76 0.13
CA GLY B 99 18.75 0.51 0.78
C GLY B 99 17.28 0.86 0.72
N VAL B 100 16.60 0.48 -0.36
CA VAL B 100 15.18 0.77 -0.50
C VAL B 100 14.35 -0.23 0.29
N GLU B 101 14.74 -1.51 0.25
CA GLU B 101 13.92 -2.55 0.88
C GLU B 101 14.02 -2.55 2.39
N THR B 102 15.17 -2.18 2.95
CA THR B 102 15.33 -2.19 4.41
C THR B 102 16.12 -1.03 4.96
N PHE B 103 16.58 -0.09 4.14
CA PHE B 103 17.45 0.98 4.60
C PHE B 103 18.75 0.39 5.17
N PHE B 104 19.24 -0.66 4.51
CA PHE B 104 20.48 -1.32 4.91
C PHE B 104 20.38 -1.91 6.32
N GLY B 105 19.24 -2.57 6.60
CA GLY B 105 19.09 -3.33 7.83
C GLY B 105 18.26 -2.68 8.91
N ARG B 106 17.78 -1.45 8.70
CA ARG B 106 17.03 -0.76 9.74
C ARG B 106 15.62 -1.33 9.90
N ASN B 107 14.98 -1.68 8.80
CA ASN B 107 13.61 -2.18 8.81
C ASN B 107 13.57 -3.56 8.13
N THR B 108 14.18 -4.55 8.77
CA THR B 108 14.21 -5.89 8.20
C THR B 108 12.97 -6.71 8.53
N GLY B 109 12.03 -6.19 9.31
CA GLY B 109 10.81 -6.91 9.64
C GLY B 109 10.76 -7.25 11.11
N SER B 110 9.58 -7.09 11.70
CA SER B 110 9.40 -7.27 13.14
C SER B 110 8.52 -8.47 13.49
N TYR B 111 8.05 -9.22 12.51
CA TYR B 111 7.23 -10.40 12.76
C TYR B 111 8.04 -11.67 12.56
N ARG B 112 7.68 -12.73 13.29
CA ARG B 112 8.24 -14.04 13.03
C ARG B 112 7.58 -14.61 11.78
N VAL B 113 8.41 -15.03 10.82
CA VAL B 113 7.88 -15.47 9.52
C VAL B 113 6.79 -16.52 9.71
N MET B 114 7.01 -17.45 10.64
CA MET B 114 6.02 -18.49 10.90
C MET B 114 4.67 -17.90 11.27
N ASP B 115 4.68 -16.80 12.04
CA ASP B 115 3.42 -16.15 12.42
C ASP B 115 2.78 -15.44 11.23
N ALA B 116 3.58 -14.75 10.43
CA ALA B 116 3.04 -14.02 9.28
C ALA B 116 2.42 -14.98 8.27
N LEU B 117 3.18 -15.99 7.84
CA LEU B 117 2.69 -16.91 6.82
C LEU B 117 1.54 -17.78 7.34
N SER B 118 1.55 -18.13 8.62
CA SER B 118 0.43 -18.87 9.19
C SER B 118 -0.81 -18.00 9.25
N THR B 119 -0.69 -16.81 9.83
CA THR B 119 -1.81 -15.88 9.89
C THR B 119 -2.44 -15.69 8.51
N LEU B 120 -1.62 -15.42 7.50
CA LEU B 120 -2.15 -15.18 6.16
C LEU B 120 -2.62 -16.47 5.50
N GLY B 121 -1.79 -17.51 5.55
CA GLY B 121 -2.11 -18.75 4.86
C GLY B 121 -3.36 -19.43 5.35
N PHE B 122 -3.75 -19.18 6.60
CA PHE B 122 -4.90 -19.85 7.19
C PHE B 122 -6.03 -18.91 7.59
N ASP B 123 -5.85 -17.59 7.45
CA ASP B 123 -6.89 -16.66 7.90
C ASP B 123 -7.09 -15.47 6.96
N TYR B 124 -6.43 -15.42 5.80
CA TYR B 124 -6.71 -14.41 4.79
C TYR B 124 -7.19 -15.15 3.54
N PRO B 125 -8.50 -15.32 3.38
CA PRO B 125 -9.04 -16.14 2.28
C PRO B 125 -8.54 -15.68 0.91
N PRO B 126 -8.55 -14.37 0.63
CA PRO B 126 -8.22 -13.93 -0.74
C PRO B 126 -6.94 -14.52 -1.31
N ARG B 127 -5.88 -14.65 -0.50
CA ARG B 127 -4.61 -15.19 -0.97
C ARG B 127 -4.11 -16.33 -0.08
N ALA B 128 -5.00 -17.00 0.64
CA ALA B 128 -4.55 -18.04 1.56
C ALA B 128 -3.78 -19.13 0.83
N ASP B 129 -4.20 -19.47 -0.39
CA ASP B 129 -3.50 -20.49 -1.15
C ASP B 129 -2.08 -20.05 -1.49
N PHE B 130 -1.91 -18.78 -1.89
CA PHE B 130 -0.57 -18.30 -2.22
C PHE B 130 0.33 -18.29 -1.00
N PHE B 131 -0.21 -17.88 0.16
CA PHE B 131 0.62 -17.80 1.36
C PHE B 131 0.86 -19.15 2.01
N ARG B 132 0.03 -20.15 1.73
CA ARG B 132 0.39 -21.51 2.11
C ARG B 132 1.49 -22.06 1.23
N LYS B 133 1.63 -21.53 0.01
CA LYS B 133 2.80 -21.88 -0.81
CA LYS B 133 2.79 -21.89 -0.80
C LYS B 133 4.08 -21.36 -0.17
N GLU B 134 4.06 -20.12 0.33
CA GLU B 134 5.23 -19.56 0.99
C GLU B 134 5.53 -20.27 2.30
N LEU B 135 4.49 -20.60 3.07
CA LEU B 135 4.70 -21.32 4.32
C LEU B 135 5.31 -22.69 4.05
N ARG B 136 4.93 -23.32 2.95
CA ARG B 136 5.53 -24.60 2.56
C ARG B 136 7.02 -24.42 2.25
N GLU B 137 7.35 -23.42 1.44
CA GLU B 137 8.76 -23.18 1.11
C GLU B 137 9.56 -22.80 2.35
N PHE B 138 8.94 -22.05 3.27
CA PHE B 138 9.66 -21.63 4.46
C PHE B 138 10.08 -22.80 5.31
N LEU B 139 9.15 -23.71 5.60
CA LEU B 139 9.51 -24.92 6.35
C LEU B 139 10.59 -25.72 5.64
N LEU B 140 10.59 -25.69 4.29
CA LEU B 140 11.64 -26.35 3.53
C LEU B 140 12.97 -25.64 3.71
N LEU B 141 12.99 -24.30 3.65
CA LEU B 141 14.26 -23.60 3.74
C LEU B 141 14.82 -23.63 5.15
N ALA B 142 13.95 -23.64 6.17
CA ALA B 142 14.44 -23.77 7.54
C ALA B 142 14.96 -25.17 7.82
N ARG B 143 14.60 -26.15 7.00
CA ARG B 143 15.22 -27.47 7.12
C ARG B 143 16.57 -27.50 6.41
N GLU B 144 16.64 -26.91 5.21
CA GLU B 144 17.91 -26.88 4.47
C GLU B 144 19.00 -26.17 5.27
N GLN B 145 18.64 -25.10 5.97
CA GLN B 145 19.60 -24.33 6.74
C GLN B 145 19.75 -24.83 8.16
N GLN B 146 18.87 -25.73 8.61
CA GLN B 146 18.95 -26.32 9.95
C GLN B 146 18.99 -25.23 11.02
N VAL B 147 18.00 -24.34 10.97
CA VAL B 147 17.76 -23.38 12.03
C VAL B 147 16.32 -23.54 12.48
N ASP B 148 16.04 -23.10 13.69
CA ASP B 148 14.69 -23.22 14.22
C ASP B 148 13.76 -22.27 13.48
N PRO B 149 12.65 -22.75 12.93
CA PRO B 149 11.74 -21.86 12.18
C PRO B 149 11.28 -20.64 12.95
N LEU B 150 11.23 -20.69 14.28
CA LEU B 150 10.71 -19.57 15.06
C LEU B 150 11.75 -18.47 15.27
N SER B 151 13.00 -18.71 14.91
CA SER B 151 14.06 -17.72 15.10
C SER B 151 14.18 -16.73 13.94
N LEU B 152 13.40 -16.92 12.87
CA LEU B 152 13.52 -16.10 11.66
C LEU B 152 12.43 -15.04 11.64
N THR B 153 12.77 -13.86 11.14
CA THR B 153 11.87 -12.71 11.16
C THR B 153 11.72 -12.12 9.77
N GLY B 154 10.71 -11.28 9.61
CA GLY B 154 10.44 -10.66 8.33
C GLY B 154 9.25 -9.75 8.43
N SER B 155 8.79 -9.30 7.27
CA SER B 155 7.70 -8.35 7.17
C SER B 155 6.37 -9.03 7.50
N TYR B 156 5.31 -8.21 7.56
CA TYR B 156 3.97 -8.73 7.80
C TYR B 156 3.55 -9.74 6.75
N ALA B 157 4.18 -9.72 5.57
CA ALA B 157 3.86 -10.66 4.51
C ALA B 157 4.91 -11.75 4.34
N GLY B 158 5.94 -11.77 5.18
CA GLY B 158 6.91 -12.83 5.16
C GLY B 158 8.18 -12.58 4.37
N ALA B 159 8.48 -11.34 4.00
CA ALA B 159 9.73 -11.04 3.32
C ALA B 159 10.84 -10.90 4.36
N MET B 160 11.99 -11.52 4.08
CA MET B 160 13.00 -11.78 5.10
C MET B 160 14.32 -11.07 4.78
N GLY B 161 14.97 -10.57 5.83
CA GLY B 161 16.35 -10.15 5.75
C GLY B 161 16.56 -8.81 5.07
N LEU B 162 17.83 -8.58 4.73
CA LEU B 162 18.21 -7.34 4.04
C LEU B 162 17.51 -7.17 2.70
N PRO B 163 17.49 -8.17 1.82
CA PRO B 163 16.82 -8.00 0.52
C PRO B 163 15.31 -8.19 0.55
N GLN B 164 14.74 -8.57 1.70
CA GLN B 164 13.32 -8.86 1.81
C GLN B 164 12.90 -9.93 0.81
N PHE B 165 13.56 -11.08 0.89
CA PHE B 165 13.18 -12.24 0.10
C PHE B 165 12.00 -12.95 0.75
N MET B 166 10.97 -13.24 -0.04
CA MET B 166 9.97 -14.17 0.42
C MET B 166 10.51 -15.60 0.33
N PRO B 167 9.96 -16.52 1.12
CA PRO B 167 10.56 -17.85 1.21
C PRO B 167 10.78 -18.53 -0.13
N SER B 168 9.89 -18.35 -1.10
CA SER B 168 10.08 -18.99 -2.39
C SER B 168 11.26 -18.39 -3.15
N SER B 169 11.47 -17.07 -3.00
CA SER B 169 12.66 -16.45 -3.58
C SER B 169 13.93 -16.93 -2.88
N PHE B 170 13.88 -17.06 -1.55
CA PHE B 170 15.04 -17.58 -0.83
C PHE B 170 15.49 -18.91 -1.41
N ARG B 171 14.55 -19.85 -1.58
CA ARG B 171 14.92 -21.18 -2.05
C ARG B 171 15.40 -21.17 -3.48
N ALA B 172 14.85 -20.28 -4.34
CA ALA B 172 15.19 -20.29 -5.75
C ALA B 172 16.37 -19.39 -6.10
N TYR B 173 16.70 -18.40 -5.27
CA TYR B 173 17.66 -17.38 -5.70
C TYR B 173 18.76 -17.10 -4.68
N ALA B 174 18.46 -17.25 -3.39
CA ALA B 174 19.47 -16.98 -2.37
C ALA B 174 20.68 -17.87 -2.57
N VAL B 175 21.85 -17.35 -2.21
CA VAL B 175 23.12 -18.04 -2.43
C VAL B 175 24.02 -17.84 -1.21
N ASP B 176 24.71 -18.91 -0.82
CA ASP B 176 25.80 -18.82 0.15
C ASP B 176 26.99 -18.16 -0.54
N PHE B 177 27.19 -16.87 -0.28
CA PHE B 177 28.14 -16.07 -1.05
C PHE B 177 29.47 -15.84 -0.36
N ASP B 178 29.68 -16.42 0.83
CA ASP B 178 30.98 -16.29 1.50
C ASP B 178 31.51 -17.64 1.97
N GLY B 179 30.98 -18.74 1.45
CA GLY B 179 31.53 -20.06 1.68
C GLY B 179 31.51 -20.56 3.12
N ASP B 180 30.74 -19.90 3.98
CA ASP B 180 30.66 -20.35 5.37
C ASP B 180 29.77 -21.58 5.52
N GLY B 181 28.92 -21.87 4.54
CA GLY B 181 28.03 -23.02 4.59
C GLY B 181 26.58 -22.71 4.89
N HIS B 182 26.25 -21.46 5.21
CA HIS B 182 24.89 -21.04 5.49
C HIS B 182 24.44 -20.00 4.48
N ILE B 183 23.15 -19.72 4.45
CA ILE B 183 22.58 -18.64 3.64
C ILE B 183 21.84 -17.74 4.62
N ASN B 184 22.51 -16.72 5.13
CA ASN B 184 21.99 -15.86 6.18
C ASN B 184 21.77 -14.46 5.61
N ILE B 185 20.62 -14.28 4.96
CA ILE B 185 20.25 -12.95 4.43
C ILE B 185 19.77 -12.01 5.54
N TRP B 186 19.70 -12.48 6.78
CA TRP B 186 19.30 -11.61 7.89
C TRP B 186 20.48 -10.84 8.46
N SER B 187 21.59 -11.55 8.75
CA SER B 187 22.74 -10.95 9.41
C SER B 187 23.98 -10.85 8.53
N ASP B 188 24.03 -11.58 7.41
CA ASP B 188 25.25 -11.68 6.61
C ASP B 188 25.14 -10.85 5.34
N PRO B 189 25.61 -9.59 5.35
CA PRO B 189 25.48 -8.75 4.15
C PRO B 189 26.04 -9.37 2.89
N THR B 190 27.04 -10.25 3.01
CA THR B 190 27.59 -10.91 1.83
C THR B 190 26.54 -11.79 1.15
N ASP B 191 25.78 -12.56 1.94
CA ASP B 191 24.73 -13.38 1.36
C ASP B 191 23.58 -12.54 0.83
N ALA B 192 23.30 -11.39 1.46
CA ALA B 192 22.33 -10.46 0.91
C ALA B 192 22.80 -9.94 -0.45
N ILE B 193 24.08 -9.56 -0.53
CA ILE B 193 24.62 -8.98 -1.76
C ILE B 193 24.60 -9.98 -2.89
N GLY B 194 25.10 -11.19 -2.64
CA GLY B 194 25.07 -12.22 -3.66
C GLY B 194 23.66 -12.64 -4.03
N SER B 195 22.78 -12.71 -3.03
CA SER B 195 21.42 -13.18 -3.28
C SER B 195 20.64 -12.23 -4.18
N VAL B 196 20.77 -10.92 -3.95
CA VAL B 196 20.10 -9.96 -4.83
C VAL B 196 20.63 -10.08 -6.26
N ALA B 197 21.94 -10.24 -6.40
CA ALA B 197 22.53 -10.37 -7.73
C ALA B 197 22.03 -11.63 -8.42
N SER B 198 21.95 -12.75 -7.69
CA SER B 198 21.41 -13.98 -8.25
C SER B 198 19.97 -13.79 -8.70
N TYR B 199 19.21 -13.00 -7.93
CA TYR B 199 17.82 -12.73 -8.29
C TYR B 199 17.73 -11.95 -9.60
N PHE B 200 18.48 -10.84 -9.69
CA PHE B 200 18.45 -10.03 -10.90
C PHE B 200 18.93 -10.82 -12.11
N LYS B 201 19.99 -11.60 -11.95
CA LYS B 201 20.50 -12.38 -13.08
C LYS B 201 19.46 -13.39 -13.55
N GLN B 202 18.88 -14.14 -12.61
CA GLN B 202 17.90 -15.15 -12.95
C GLN B 202 16.53 -14.56 -13.32
N HIS B 203 16.38 -13.24 -13.26
CA HIS B 203 15.17 -12.58 -13.75
C HIS B 203 15.40 -11.83 -15.04
N GLY B 204 16.51 -12.09 -15.74
CA GLY B 204 16.72 -11.58 -17.08
C GLY B 204 17.57 -10.34 -17.20
N TRP B 205 18.37 -9.99 -16.20
CA TRP B 205 19.25 -8.84 -16.34
C TRP B 205 20.29 -9.10 -17.42
N VAL B 206 20.49 -8.12 -18.30
CA VAL B 206 21.46 -8.19 -19.38
C VAL B 206 22.61 -7.26 -19.04
N THR B 207 23.78 -7.84 -18.78
CA THR B 207 24.93 -7.04 -18.39
C THR B 207 25.35 -6.10 -19.51
N GLY B 208 25.43 -4.80 -19.18
CA GLY B 208 25.88 -3.79 -20.11
C GLY B 208 24.79 -3.07 -20.86
N GLU B 209 23.52 -3.48 -20.69
CA GLU B 209 22.43 -2.77 -21.35
C GLU B 209 21.92 -1.64 -20.44
N PRO B 210 21.51 -0.51 -21.00
CA PRO B 210 20.98 0.57 -20.17
C PRO B 210 19.63 0.19 -19.60
N VAL B 211 19.18 0.99 -18.65
CA VAL B 211 17.94 0.72 -17.90
C VAL B 211 16.78 1.57 -18.40
N VAL B 212 16.97 2.89 -18.46
CA VAL B 212 15.92 3.80 -18.90
C VAL B 212 16.51 4.75 -19.94
N SER B 213 15.63 5.59 -20.49
CA SER B 213 16.01 6.60 -21.47
C SER B 213 15.03 7.74 -21.34
N VAL B 214 15.54 8.97 -21.33
CA VAL B 214 14.67 10.14 -21.27
C VAL B 214 13.91 10.25 -22.58
N ALA B 215 12.64 10.61 -22.50
CA ALA B 215 11.76 10.57 -23.66
C ALA B 215 11.06 11.90 -23.86
N GLU B 216 10.62 12.12 -25.10
CA GLU B 216 9.77 13.23 -25.48
C GLU B 216 8.64 12.69 -26.33
N ILE B 217 7.51 13.40 -26.34
CA ILE B 217 6.38 13.05 -27.18
C ILE B 217 6.09 14.23 -28.11
N ASN B 218 5.81 13.93 -29.37
CA ASN B 218 5.54 14.95 -30.38
C ASN B 218 4.06 15.26 -30.53
N ASP B 219 3.21 14.72 -29.66
CA ASP B 219 1.78 14.96 -29.69
C ASP B 219 1.17 14.37 -28.42
N GLU B 220 0.12 15.02 -27.92
CA GLU B 220 -0.51 14.55 -26.69
C GLU B 220 -1.06 13.14 -26.85
N SER B 221 -1.60 12.83 -28.04
CA SER B 221 -2.17 11.51 -28.27
C SER B 221 -1.18 10.38 -27.96
N ALA B 222 0.12 10.66 -27.97
CA ALA B 222 1.10 9.65 -27.61
C ALA B 222 0.99 9.24 -26.15
N GLU B 223 0.39 10.08 -25.30
CA GLU B 223 0.22 9.72 -23.89
C GLU B 223 -0.68 8.50 -23.71
N SER B 224 -1.50 8.16 -24.71
CA SER B 224 -2.25 6.92 -24.64
C SER B 224 -1.34 5.69 -24.69
N ALA B 225 -0.05 5.86 -24.97
CA ALA B 225 0.90 4.78 -24.96
C ALA B 225 1.47 4.49 -23.58
N VAL B 226 1.19 5.33 -22.58
CA VAL B 226 1.70 5.09 -21.24
C VAL B 226 1.26 3.71 -20.80
N THR B 227 2.21 2.94 -20.27
CA THR B 227 1.93 1.56 -19.91
C THR B 227 1.05 1.46 -18.68
N ARG B 228 0.05 0.58 -18.73
CA ARG B 228 -0.73 0.24 -17.55
C ARG B 228 0.04 -0.82 -16.77
N GLY B 229 0.47 -0.47 -15.56
CA GLY B 229 1.32 -1.36 -14.80
C GLY B 229 2.75 -1.33 -15.29
N VAL B 230 3.42 -2.48 -15.28
CA VAL B 230 4.84 -2.52 -15.59
C VAL B 230 5.13 -3.57 -16.64
N ASP B 231 4.10 -4.05 -17.31
CA ASP B 231 4.40 -5.09 -18.30
C ASP B 231 4.45 -4.48 -19.68
N PRO B 232 5.54 -4.69 -20.42
CA PRO B 232 5.62 -4.12 -21.77
C PRO B 232 4.66 -4.83 -22.72
N THR B 233 4.04 -4.02 -23.60
CA THR B 233 3.14 -4.54 -24.62
C THR B 233 3.56 -4.16 -26.02
N MET B 234 4.59 -3.32 -26.18
CA MET B 234 5.11 -2.92 -27.47
C MET B 234 6.62 -3.09 -27.49
N SER B 235 7.17 -3.05 -28.69
CA SER B 235 8.60 -2.84 -28.86
C SER B 235 8.88 -1.35 -28.97
N LEU B 236 10.15 -0.98 -28.78
CA LEU B 236 10.50 0.44 -28.88
C LEU B 236 10.20 0.99 -30.26
N GLY B 237 10.35 0.16 -31.30
CA GLY B 237 9.96 0.59 -32.64
C GLY B 237 8.49 0.92 -32.73
N GLU B 238 7.65 0.10 -32.09
N GLU B 238 7.65 0.12 -32.07
CA GLU B 238 6.22 0.41 -32.04
CA GLU B 238 6.22 0.40 -32.05
C GLU B 238 5.97 1.70 -31.28
C GLU B 238 5.91 1.66 -31.24
N LEU B 239 6.62 1.87 -30.13
CA LEU B 239 6.38 3.06 -29.32
C LEU B 239 6.78 4.33 -30.07
N ARG B 240 7.89 4.29 -30.81
CA ARG B 240 8.28 5.44 -31.61
C ARG B 240 7.23 5.78 -32.65
N ALA B 241 6.68 4.75 -33.32
CA ALA B 241 5.59 4.97 -34.27
C ALA B 241 4.41 5.69 -33.63
N ARG B 242 4.29 5.62 -32.30
CA ARG B 242 3.19 6.24 -31.56
C ARG B 242 3.52 7.64 -31.07
N GLY B 243 4.62 8.22 -31.51
CA GLY B 243 4.97 9.59 -31.17
C GLY B 243 5.97 9.74 -30.04
N TRP B 244 6.56 8.64 -29.56
CA TRP B 244 7.56 8.71 -28.50
C TRP B 244 8.95 8.77 -29.11
N ARG B 245 9.77 9.73 -28.63
CA ARG B 245 11.13 9.91 -29.10
C ARG B 245 12.07 9.86 -27.90
N THR B 246 12.99 8.90 -27.92
CA THR B 246 13.97 8.74 -26.85
C THR B 246 15.24 9.52 -27.18
N HIS B 247 15.82 10.17 -26.15
CA HIS B 247 17.09 10.86 -26.36
C HIS B 247 18.17 9.89 -26.84
N ASP B 248 18.25 8.72 -26.22
CA ASP B 248 19.21 7.71 -26.66
C ASP B 248 18.74 7.06 -27.96
N ALA B 249 19.68 6.83 -28.87
CA ALA B 249 19.37 6.20 -30.15
C ALA B 249 19.54 4.68 -30.03
N LEU B 250 18.63 4.07 -29.27
CA LEU B 250 18.66 2.64 -28.99
C LEU B 250 17.85 1.87 -30.02
N ARG B 251 18.19 0.60 -30.19
CA ARG B 251 17.59 -0.23 -31.23
C ARG B 251 16.07 -0.30 -31.06
N ASP B 252 15.39 -0.62 -32.16
CA ASP B 252 13.93 -0.66 -32.16
C ASP B 252 13.39 -1.93 -31.52
N ASP B 253 13.91 -3.09 -31.93
CA ASP B 253 13.35 -4.39 -31.51
C ASP B 253 13.79 -4.68 -30.07
N GLN B 254 12.99 -4.21 -29.12
CA GLN B 254 13.17 -4.54 -27.71
C GLN B 254 11.91 -4.09 -26.97
N LYS B 255 11.47 -4.93 -26.03
CA LYS B 255 10.25 -4.64 -25.29
C LYS B 255 10.48 -3.48 -24.33
N VAL B 256 9.68 -2.43 -24.44
CA VAL B 256 9.83 -1.23 -23.65
C VAL B 256 8.52 -0.91 -22.93
N THR B 257 8.58 0.04 -22.02
CA THR B 257 7.43 0.59 -21.34
C THR B 257 7.54 2.10 -21.39
N ALA B 258 6.40 2.78 -21.42
CA ALA B 258 6.35 4.23 -21.49
C ALA B 258 5.76 4.75 -20.19
N MET B 259 6.45 5.69 -19.57
CA MET B 259 6.08 6.20 -18.26
C MET B 259 5.90 7.71 -18.29
N ARG B 260 4.97 8.19 -17.47
CA ARG B 260 4.68 9.61 -17.34
C ARG B 260 4.65 9.93 -15.85
N PHE B 261 5.72 10.55 -15.35
CA PHE B 261 5.81 10.95 -13.96
C PHE B 261 5.50 12.43 -13.82
N VAL B 262 4.82 12.79 -12.74
CA VAL B 262 4.66 14.19 -12.36
C VAL B 262 5.85 14.51 -11.47
N GLY B 263 6.96 14.89 -12.11
CA GLY B 263 8.20 15.09 -11.42
C GLY B 263 8.19 16.34 -10.56
N ASP B 264 9.37 16.67 -10.05
CA ASP B 264 9.54 17.83 -9.20
C ASP B 264 9.50 19.13 -9.98
N LYS B 265 9.89 19.10 -11.25
CA LYS B 265 10.00 20.30 -12.08
C LYS B 265 9.19 20.17 -13.36
N GLY B 266 8.14 19.34 -13.35
CA GLY B 266 7.24 19.20 -14.47
C GLY B 266 7.07 17.75 -14.85
N ILE B 267 6.35 17.53 -15.96
CA ILE B 267 6.09 16.18 -16.44
C ILE B 267 7.36 15.60 -17.03
N GLU B 268 7.63 14.33 -16.72
CA GLU B 268 8.80 13.62 -17.22
C GLU B 268 8.35 12.39 -17.98
N TYR B 269 8.88 12.21 -19.18
CA TYR B 269 8.59 11.05 -20.00
C TYR B 269 9.79 10.13 -20.01
N TRP B 270 9.56 8.87 -19.66
CA TRP B 270 10.62 7.87 -19.56
C TRP B 270 10.22 6.62 -20.35
N VAL B 271 11.20 6.04 -21.03
CA VAL B 271 11.06 4.72 -21.63
C VAL B 271 11.85 3.75 -20.77
N GLY B 272 11.17 2.77 -20.20
CA GLY B 272 11.85 1.72 -19.45
C GLY B 272 12.29 0.60 -20.37
N LEU B 273 13.59 0.36 -20.41
CA LEU B 273 14.14 -0.69 -21.23
C LEU B 273 13.99 -2.03 -20.53
N PRO B 274 14.30 -3.14 -21.20
CA PRO B 274 14.13 -4.45 -20.55
C PRO B 274 14.75 -4.55 -19.16
N ASN B 275 15.96 -4.04 -18.95
CA ASN B 275 16.54 -4.11 -17.61
C ASN B 275 15.69 -3.37 -16.59
N PHE B 276 15.06 -2.26 -17.00
CA PHE B 276 14.11 -1.60 -16.11
C PHE B 276 12.98 -2.56 -15.73
N TYR B 277 12.56 -3.40 -16.68
CA TYR B 277 11.56 -4.41 -16.38
C TYR B 277 12.09 -5.42 -15.35
N VAL B 278 13.39 -5.75 -15.44
CA VAL B 278 13.99 -6.68 -14.48
C VAL B 278 13.86 -6.13 -13.06
N ILE B 279 14.04 -4.82 -12.89
CA ILE B 279 13.91 -4.22 -11.56
C ILE B 279 12.49 -4.37 -11.04
N THR B 280 11.48 -4.18 -11.90
CA THR B 280 10.10 -4.33 -11.46
C THR B 280 9.75 -5.77 -11.11
N ARG B 281 10.54 -6.74 -11.55
CA ARG B 281 10.32 -8.11 -11.09
C ARG B 281 10.62 -8.24 -9.60
N TYR B 282 11.38 -7.31 -9.03
CA TYR B 282 11.57 -7.28 -7.59
C TYR B 282 10.36 -6.71 -6.86
N ASN B 283 9.67 -5.76 -7.49
CA ASN B 283 8.48 -5.14 -6.90
C ASN B 283 7.73 -4.40 -8.01
N ARG B 284 6.60 -4.95 -8.42
CA ARG B 284 5.86 -4.45 -9.58
C ARG B 284 5.41 -3.00 -9.40
N SER B 285 6.33 -2.06 -9.57
CA SER B 285 5.98 -0.64 -9.52
C SER B 285 6.97 0.15 -10.36
N ALA B 286 6.44 0.97 -11.28
CA ALA B 286 7.33 1.80 -12.09
C ALA B 286 8.11 2.78 -11.23
N MET B 287 7.47 3.38 -10.23
CA MET B 287 8.17 4.36 -9.39
C MET B 287 9.21 3.68 -8.51
N TYR B 288 8.87 2.53 -7.93
CA TYR B 288 9.87 1.73 -7.23
C TYR B 288 11.10 1.53 -8.11
N ALA B 289 10.88 1.06 -9.34
CA ALA B 289 11.99 0.79 -10.24
C ALA B 289 12.76 2.06 -10.58
N MET B 290 12.05 3.18 -10.72
CA MET B 290 12.75 4.44 -10.99
C MET B 290 13.51 4.91 -9.75
N ALA B 291 12.99 4.64 -8.56
CA ALA B 291 13.69 5.04 -7.34
C ALA B 291 14.95 4.20 -7.14
N VAL B 292 14.87 2.89 -7.36
CA VAL B 292 16.04 2.03 -7.24
C VAL B 292 17.14 2.48 -8.20
N TYR B 293 16.78 2.73 -9.46
CA TYR B 293 17.77 3.09 -10.47
C TYR B 293 18.44 4.41 -10.12
N GLN B 294 17.66 5.44 -9.83
CA GLN B 294 18.26 6.76 -9.55
C GLN B 294 19.02 6.76 -8.23
N LEU B 295 18.55 6.03 -7.22
CA LEU B 295 19.29 5.97 -5.96
C LEU B 295 20.66 5.34 -6.15
N ALA B 296 20.72 4.24 -6.91
CA ALA B 296 22.02 3.65 -7.23
C ALA B 296 22.92 4.65 -7.96
N GLY B 297 22.32 5.60 -8.68
CA GLY B 297 23.13 6.63 -9.32
C GLY B 297 23.64 7.65 -8.32
N GLU B 298 22.76 8.12 -7.44
CA GLU B 298 23.18 9.05 -6.39
C GLU B 298 24.27 8.44 -5.52
N ILE B 299 24.18 7.14 -5.24
CA ILE B 299 25.13 6.49 -4.35
C ILE B 299 26.48 6.33 -5.03
N ALA B 300 26.49 6.04 -6.33
CA ALA B 300 27.75 5.96 -7.05
C ALA B 300 28.40 7.34 -7.18
N ARG B 301 27.58 8.38 -7.36
CA ARG B 301 28.10 9.74 -7.34
C ARG B 301 28.76 10.06 -5.99
N ALA B 302 28.03 9.84 -4.90
CA ALA B 302 28.53 10.22 -3.58
C ALA B 302 29.72 9.39 -3.12
N ARG B 303 29.88 8.17 -3.64
CA ARG B 303 30.99 7.31 -3.24
C ARG B 303 32.34 7.80 -3.75
N GLY B 304 32.36 8.75 -4.68
CA GLY B 304 33.60 9.28 -5.21
C GLY B 304 33.87 10.71 -4.80
CA CA C . -22.96 9.23 20.72
AS CAC D . -9.92 10.03 6.82
O1 CAC D . -10.09 10.70 8.34
O2 CAC D . -9.60 11.27 5.76
C1 CAC D . -11.52 9.13 6.31
C2 CAC D . -8.42 8.88 6.71
C1 GOL E . 1.57 -3.74 7.65
O1 GOL E . 2.51 -2.89 7.05
C2 GOL E . 1.09 -3.18 9.00
O2 GOL E . 0.74 -1.82 8.86
C3 GOL E . 2.18 -3.36 10.05
O3 GOL E . 1.60 -3.70 11.29
H11 GOL E . 0.71 -3.86 6.99
H12 GOL E . 2.01 -4.72 7.80
HO1 GOL E . 2.84 -3.29 6.22
H2 GOL E . 0.21 -3.75 9.31
HO2 GOL E . 0.43 -1.48 9.72
H31 GOL E . 2.87 -4.15 9.75
H32 GOL E . 2.74 -2.43 10.16
HO3 GOL E . 1.29 -2.89 11.75
CA CA F . 26.83 -17.81 3.82
AS CAC G . 10.44 -11.08 -3.60
O1 CAC G . 10.83 -12.49 -2.82
O2 CAC G . 9.64 -11.42 -5.02
C1 CAC G . 9.24 -10.07 -2.54
C2 CAC G . 12.00 -10.05 -3.96
#